data_2W6A
#
_entry.id   2W6A
#
_cell.length_a   42.927
_cell.length_b   28.962
_cell.length_c   46.262
_cell.angle_alpha   90.00
_cell.angle_beta   96.14
_cell.angle_gamma   90.00
#
_symmetry.space_group_name_H-M   'P 1 21 1'
#
loop_
_entity.id
_entity.type
_entity.pdbx_description
1 polymer 'ARF GTPASE-ACTIVATING PROTEIN GIT1'
2 water water
#
_entity_poly.entity_id   1
_entity_poly.type   'polypeptide(L)'
_entity_poly.pdbx_seq_one_letter_code
;GPLGSSDGAVTLQEYLELKKALATSEAKVQQLMKVNSSLSDELRKLQREIHKLQAENLQLRQP
;
_entity_poly.pdbx_strand_id   A,B
#
# COMPACT_ATOMS: atom_id res chain seq x y z
N GLY A 1 -19.41 8.07 25.03
CA GLY A 1 -19.80 6.64 25.23
C GLY A 1 -20.49 6.39 26.55
N PRO A 2 -20.70 5.11 26.90
CA PRO A 2 -21.37 4.74 28.16
C PRO A 2 -20.43 4.92 29.36
N LEU A 3 -21.02 4.92 30.56
CA LEU A 3 -20.20 4.89 31.78
C LEU A 3 -19.82 3.47 32.12
N GLY A 4 -18.68 3.31 32.77
CA GLY A 4 -18.20 2.00 33.22
C GLY A 4 -19.13 1.40 34.25
N ASP A 7 -24.55 -0.71 33.31
CA ASP A 7 -24.71 -2.10 32.92
C ASP A 7 -25.63 -2.23 31.70
N GLY A 8 -25.23 -1.60 30.60
CA GLY A 8 -26.03 -1.62 29.35
C GLY A 8 -25.54 -2.60 28.30
N ALA A 9 -26.14 -2.51 27.10
CA ALA A 9 -25.84 -3.38 25.99
C ALA A 9 -24.42 -3.19 25.45
N VAL A 10 -23.88 -1.99 25.61
CA VAL A 10 -22.51 -1.64 25.20
C VAL A 10 -21.79 -1.16 26.43
N THR A 11 -20.69 -1.81 26.77
CA THR A 11 -19.91 -1.37 27.94
C THR A 11 -18.91 -0.30 27.53
N LEU A 12 -18.41 0.43 28.52
CA LEU A 12 -17.36 1.42 28.22
C LEU A 12 -16.14 0.72 27.61
N GLN A 13 -15.80 -0.46 28.11
CA GLN A 13 -14.64 -1.18 27.57
C GLN A 13 -14.84 -1.52 26.10
N GLU A 14 -16.03 -1.99 25.74
CA GLU A 14 -16.34 -2.27 24.32
C GLU A 14 -16.20 -1.02 23.48
N TYR A 15 -16.73 0.09 23.97
CA TYR A 15 -16.69 1.33 23.24
C TYR A 15 -15.24 1.77 23.03
N LEU A 16 -14.43 1.74 24.08
CA LEU A 16 -13.02 2.15 23.96
C LEU A 16 -12.24 1.22 23.04
N GLU A 17 -12.48 -0.08 23.14
CA GLU A 17 -11.79 -1.03 22.24
C GLU A 17 -12.13 -0.78 20.78
N LEU A 18 -13.40 -0.43 20.51
CA LEU A 18 -13.80 -0.15 19.13
C LEU A 18 -13.17 1.16 18.64
N LYS A 19 -13.14 2.19 19.47
CA LYS A 19 -12.49 3.43 19.06
C LYS A 19 -11.02 3.18 18.77
N LYS A 20 -10.37 2.33 19.56
CA LYS A 20 -8.95 2.08 19.31
CA LYS A 20 -8.95 1.97 19.37
CA LYS A 20 -8.95 2.03 19.34
C LYS A 20 -8.78 1.25 18.03
N ALA A 21 -9.67 0.31 17.77
CA ALA A 21 -9.56 -0.48 16.54
C ALA A 21 -9.72 0.43 15.33
N LEU A 22 -10.65 1.37 15.39
CA LEU A 22 -10.83 2.33 14.29
C LEU A 22 -9.60 3.23 14.14
N ALA A 23 -9.05 3.70 15.24
CA ALA A 23 -7.85 4.56 15.15
C ALA A 23 -6.69 3.77 14.53
N THR A 24 -6.56 2.52 14.93
CA THR A 24 -5.51 1.62 14.42
C THR A 24 -5.68 1.42 12.92
N SER A 25 -6.91 1.21 12.47
CA SER A 25 -7.19 1.00 11.05
C SER A 25 -6.94 2.27 10.27
N GLU A 26 -7.37 3.41 10.77
CA GLU A 26 -7.07 4.69 10.12
C GLU A 26 -5.57 4.97 10.04
N ALA A 27 -4.84 4.64 11.10
CA ALA A 27 -3.38 4.85 11.07
C ALA A 27 -2.77 3.98 9.96
N LYS A 28 -3.25 2.76 9.83
CA LYS A 28 -2.74 1.84 8.81
C LYS A 28 -3.06 2.38 7.43
N VAL A 29 -4.24 2.95 7.20
CA VAL A 29 -4.55 3.57 5.92
C VAL A 29 -3.53 4.68 5.63
N GLN A 30 -3.23 5.51 6.62
CA GLN A 30 -2.31 6.63 6.42
C GLN A 30 -0.92 6.11 6.09
N GLN A 31 -0.48 5.06 6.79
CA GLN A 31 0.84 4.50 6.54
C GLN A 31 0.89 3.87 5.15
N LEU A 32 -0.16 3.15 4.76
CA LEU A 32 -0.22 2.58 3.40
C LEU A 32 -0.13 3.67 2.36
N MET A 33 -0.81 4.78 2.55
CA MET A 33 -0.76 5.85 1.57
CA MET A 33 -0.77 5.89 1.60
C MET A 33 0.64 6.46 1.48
N LYS A 34 1.32 6.59 2.60
CA LYS A 34 2.69 7.12 2.61
CA LYS A 34 2.69 7.09 2.67
C LYS A 34 3.64 6.15 1.90
N VAL A 35 3.59 4.86 2.24
CA VAL A 35 4.46 3.92 1.58
CA VAL A 35 4.43 3.85 1.59
C VAL A 35 4.12 3.81 0.09
N ASN A 36 2.83 3.78 -0.27
CA ASN A 36 2.49 3.68 -1.70
C ASN A 36 2.99 4.90 -2.47
N SER A 37 2.99 6.09 -1.89
CA SER A 37 3.54 7.29 -2.53
C SER A 37 5.04 7.12 -2.76
N SER A 38 5.75 6.64 -1.76
CA SER A 38 7.18 6.39 -1.90
CA SER A 38 7.19 6.38 -1.89
C SER A 38 7.45 5.38 -3.01
N LEU A 39 6.71 4.27 -3.00
CA LEU A 39 6.88 3.24 -4.02
C LEU A 39 6.54 3.75 -5.39
N SER A 40 5.58 4.65 -5.52
CA SER A 40 5.19 5.18 -6.82
C SER A 40 6.30 6.09 -7.36
N ASP A 41 7.01 6.80 -6.50
CA ASP A 41 8.13 7.63 -6.94
C ASP A 41 9.27 6.71 -7.39
N GLU A 42 9.48 5.63 -6.64
CA GLU A 42 10.56 4.66 -6.97
C GLU A 42 10.26 4.00 -8.31
N LEU A 43 9.00 3.73 -8.59
CA LEU A 43 8.61 3.12 -9.87
C LEU A 43 9.11 3.97 -11.02
N ARG A 44 8.91 5.27 -10.93
CA ARG A 44 9.31 6.16 -12.03
C ARG A 44 10.83 6.17 -12.22
N LYS A 45 11.56 6.09 -11.11
CA LYS A 45 13.02 6.08 -11.18
CA LYS A 45 13.03 6.07 -11.18
C LYS A 45 13.50 4.80 -11.86
N LEU A 46 12.93 3.65 -11.49
CA LEU A 46 13.34 2.42 -12.11
C LEU A 46 12.96 2.37 -13.59
N GLN A 47 11.82 2.94 -13.95
CA GLN A 47 11.45 2.99 -15.35
C GLN A 47 12.47 3.80 -16.13
N ARG A 48 12.91 4.90 -15.56
CA ARG A 48 13.93 5.72 -16.22
C ARG A 48 15.26 4.98 -16.39
N GLU A 49 15.62 4.11 -15.44
CA GLU A 49 16.82 3.31 -15.55
C GLU A 49 16.69 2.32 -16.72
N ILE A 50 15.49 1.76 -16.93
CA ILE A 50 15.26 0.94 -18.13
C ILE A 50 15.43 1.81 -19.38
N HIS A 51 14.94 3.05 -19.38
CA HIS A 51 15.09 3.89 -20.60
C HIS A 51 16.59 4.06 -20.91
N LYS A 52 17.35 4.33 -19.88
CA LYS A 52 18.79 4.51 -20.00
C LYS A 52 19.44 3.26 -20.61
N LEU A 53 19.17 2.11 -20.02
CA LEU A 53 19.83 0.88 -20.48
C LEU A 53 19.31 0.37 -21.82
N GLN A 54 18.02 0.64 -22.13
CA GLN A 54 17.48 0.26 -23.41
C GLN A 54 18.17 1.06 -24.53
N ALA A 55 18.37 2.36 -24.29
CA ALA A 55 19.06 3.18 -25.28
C ALA A 55 20.48 2.65 -25.50
N GLU A 56 21.16 2.28 -24.43
CA GLU A 56 22.53 1.74 -24.55
C GLU A 56 22.49 0.45 -25.32
N ASN A 57 21.53 -0.42 -24.98
CA ASN A 57 21.42 -1.73 -25.63
C ASN A 57 21.25 -1.57 -27.15
N LEU A 58 20.39 -0.65 -27.53
CA LEU A 58 20.09 -0.46 -28.96
C LEU A 58 21.32 0.10 -29.70
N GLN A 59 22.06 1.00 -29.06
CA GLN A 59 23.30 1.51 -29.70
C GLN A 59 24.35 0.39 -29.83
N LEU A 60 24.48 -0.47 -28.81
CA LEU A 60 25.45 -1.55 -28.84
C LEU A 60 25.10 -2.54 -29.93
N ARG A 61 23.82 -2.76 -30.20
CA ARG A 61 23.39 -3.73 -31.22
C ARG A 61 23.55 -3.21 -32.63
N GLN A 62 23.69 -1.89 -32.77
CA GLN A 62 23.69 -1.31 -34.10
C GLN A 62 25.05 -1.63 -34.66
N PRO A 63 25.11 -2.33 -35.82
N PRO A 63 25.11 -2.25 -35.87
CA PRO A 63 26.38 -2.81 -36.36
CA PRO A 63 26.40 -2.41 -36.54
C PRO A 63 27.29 -1.66 -36.81
C PRO A 63 27.14 -1.09 -36.74
N ASP B 7 -28.03 7.33 27.69
CA ASP B 7 -29.16 6.48 27.30
C ASP B 7 -28.72 5.35 26.37
N GLY B 8 -29.21 4.16 26.68
CA GLY B 8 -28.74 2.93 26.06
C GLY B 8 -29.04 2.82 24.58
N ALA B 9 -30.16 3.35 24.13
CA ALA B 9 -30.49 3.30 22.70
C ALA B 9 -29.51 4.17 21.92
N VAL B 10 -29.17 5.34 22.47
CA VAL B 10 -28.25 6.27 21.78
C VAL B 10 -26.86 5.64 21.75
N THR B 11 -26.41 5.08 22.87
CA THR B 11 -25.08 4.47 22.85
CA THR B 11 -25.12 4.41 22.93
C THR B 11 -25.02 3.25 21.93
N LEU B 12 -26.06 2.44 21.85
CA LEU B 12 -26.09 1.38 20.85
C LEU B 12 -25.89 1.91 19.45
N GLN B 13 -26.62 2.94 19.10
CA GLN B 13 -26.54 3.56 17.76
CA GLN B 13 -26.53 3.47 17.73
C GLN B 13 -25.13 4.03 17.49
N GLU B 14 -24.55 4.68 18.46
CA GLU B 14 -23.19 5.24 18.29
C GLU B 14 -22.20 4.10 18.03
N TYR B 15 -22.32 3.01 18.80
CA TYR B 15 -21.47 1.86 18.66
C TYR B 15 -21.64 1.23 17.29
N LEU B 16 -22.88 1.01 16.85
CA LEU B 16 -23.10 0.42 15.53
C LEU B 16 -22.56 1.29 14.39
N GLU B 17 -22.67 2.60 14.51
CA GLU B 17 -22.09 3.48 13.47
C GLU B 17 -20.57 3.33 13.47
N LEU B 18 -19.94 3.24 14.64
CA LEU B 18 -18.51 3.03 14.72
C LEU B 18 -18.11 1.69 14.09
N LYS B 19 -18.91 0.64 14.33
CA LYS B 19 -18.62 -0.65 13.69
C LYS B 19 -18.67 -0.55 12.17
N LYS B 20 -19.66 0.17 11.64
CA LYS B 20 -19.76 0.39 10.21
CA LYS B 20 -19.74 0.37 10.20
C LYS B 20 -18.50 1.11 9.71
N ALA B 21 -18.11 2.16 10.42
CA ALA B 21 -16.89 2.91 10.04
C ALA B 21 -15.67 2.01 10.05
N LEU B 22 -15.57 1.14 11.03
CA LEU B 22 -14.42 0.22 11.08
C LEU B 22 -14.42 -0.70 9.89
N ALA B 23 -15.56 -1.28 9.55
CA ALA B 23 -15.64 -2.16 8.38
C ALA B 23 -15.23 -1.43 7.11
N THR B 24 -15.67 -0.18 6.97
CA THR B 24 -15.32 0.62 5.78
C THR B 24 -13.80 0.86 5.76
N SER B 25 -13.23 1.24 6.90
CA SER B 25 -11.79 1.47 6.98
C SER B 25 -11.02 0.17 6.67
N GLU B 26 -11.50 -0.97 7.14
CA GLU B 26 -10.82 -2.25 6.90
C GLU B 26 -10.84 -2.58 5.41
N ALA B 27 -11.94 -2.23 4.73
CA ALA B 27 -12.03 -2.49 3.29
C ALA B 27 -11.01 -1.61 2.57
N LYS B 28 -10.87 -0.36 3.00
CA LYS B 28 -9.87 0.56 2.40
CA LYS B 28 -9.88 0.54 2.39
C LYS B 28 -8.46 0.04 2.64
N VAL B 29 -8.18 -0.47 3.83
CA VAL B 29 -6.86 -1.08 4.11
C VAL B 29 -6.62 -2.23 3.13
N GLN B 30 -7.61 -3.10 2.93
CA GLN B 30 -7.41 -4.25 2.06
C GLN B 30 -7.13 -3.79 0.62
N GLN B 31 -7.87 -2.79 0.17
CA GLN B 31 -7.63 -2.24 -1.18
C GLN B 31 -6.23 -1.64 -1.30
N LEU B 32 -5.79 -0.88 -0.31
CA LEU B 32 -4.44 -0.28 -0.36
C LEU B 32 -3.37 -1.33 -0.22
N MET B 33 -3.63 -2.43 0.49
CA MET B 33 -2.66 -3.53 0.57
CA MET B 33 -2.65 -3.52 0.56
C MET B 33 -2.52 -4.20 -0.78
N LYS B 34 -3.64 -4.37 -1.47
CA LYS B 34 -3.63 -4.92 -2.84
CA LYS B 34 -3.57 -4.98 -2.81
C LYS B 34 -2.77 -4.09 -3.78
N VAL B 35 -2.98 -2.78 -3.76
CA VAL B 35 -2.19 -1.94 -4.64
CA VAL B 35 -2.18 -1.90 -4.62
C VAL B 35 -0.73 -1.85 -4.19
N ASN B 36 -0.47 -1.84 -2.89
CA ASN B 36 0.92 -1.92 -2.36
C ASN B 36 1.61 -3.15 -2.89
N SER B 37 0.92 -4.29 -2.87
CA SER B 37 1.51 -5.55 -3.30
CA SER B 37 1.53 -5.54 -3.30
C SER B 37 1.83 -5.49 -4.80
N SER B 38 0.92 -4.91 -5.58
CA SER B 38 1.12 -4.79 -7.02
CA SER B 38 1.12 -4.77 -7.04
C SER B 38 2.30 -3.85 -7.31
N LEU B 39 2.37 -2.72 -6.61
CA LEU B 39 3.48 -1.77 -6.76
C LEU B 39 4.78 -2.50 -6.45
N SER B 40 4.81 -3.27 -5.37
CA SER B 40 6.05 -3.93 -4.98
CA SER B 40 6.02 -3.98 -4.93
C SER B 40 6.43 -5.00 -5.99
N ASP B 41 5.46 -5.78 -6.47
CA ASP B 41 5.74 -6.74 -7.56
C ASP B 41 6.34 -6.05 -8.78
N GLU B 42 5.80 -4.89 -9.12
CA GLU B 42 6.26 -4.20 -10.32
CA GLU B 42 6.26 -4.13 -10.30
C GLU B 42 7.66 -3.62 -10.13
N LEU B 43 7.97 -3.13 -8.94
CA LEU B 43 9.32 -2.66 -8.64
C LEU B 43 10.30 -3.80 -8.71
N ARG B 44 9.94 -4.97 -8.20
CA ARG B 44 10.88 -6.11 -8.29
C ARG B 44 11.10 -6.52 -9.72
N LYS B 45 10.03 -6.51 -10.52
CA LYS B 45 10.12 -6.88 -11.93
CA LYS B 45 10.15 -6.91 -11.92
C LYS B 45 11.02 -5.90 -12.68
N LEU B 46 10.79 -4.60 -12.45
CA LEU B 46 11.65 -3.60 -13.10
C LEU B 46 13.10 -3.82 -12.73
N GLN B 47 13.38 -4.11 -11.46
CA GLN B 47 14.77 -4.31 -11.05
C GLN B 47 15.38 -5.51 -11.77
N ARG B 48 14.63 -6.58 -11.92
CA ARG B 48 15.15 -7.75 -12.64
C ARG B 48 15.40 -7.40 -14.12
N GLU B 49 14.50 -6.61 -14.71
CA GLU B 49 14.67 -6.20 -16.12
C GLU B 49 15.88 -5.30 -16.29
N ILE B 50 16.12 -4.38 -15.35
CA ILE B 50 17.32 -3.54 -15.35
C ILE B 50 18.56 -4.43 -15.34
N HIS B 51 18.56 -5.40 -14.45
CA HIS B 51 19.72 -6.26 -14.32
C HIS B 51 19.96 -7.11 -15.57
N LYS B 52 18.89 -7.58 -16.18
CA LYS B 52 19.04 -8.34 -17.44
CA LYS B 52 18.98 -8.32 -17.46
CA LYS B 52 18.93 -8.31 -17.48
C LYS B 52 19.63 -7.45 -18.53
N LEU B 53 19.17 -6.21 -18.66
CA LEU B 53 19.78 -5.29 -19.65
C LEU B 53 21.22 -4.99 -19.33
N GLN B 54 21.53 -4.78 -18.06
CA GLN B 54 22.92 -4.49 -17.68
C GLN B 54 23.82 -5.66 -18.08
N ALA B 55 23.37 -6.88 -17.83
CA ALA B 55 24.16 -8.09 -18.15
C ALA B 55 24.26 -8.22 -19.66
N GLU B 56 23.18 -8.03 -20.39
CA GLU B 56 23.21 -8.16 -21.85
C GLU B 56 24.11 -7.09 -22.45
N ASN B 57 24.06 -5.85 -21.94
CA ASN B 57 24.95 -4.82 -22.46
C ASN B 57 26.41 -5.14 -22.25
N LEU B 58 26.76 -5.68 -21.09
CA LEU B 58 28.14 -6.06 -20.85
C LEU B 58 28.55 -7.23 -21.74
N GLN B 59 27.63 -8.14 -22.05
CA GLN B 59 27.91 -9.24 -23.02
C GLN B 59 28.14 -8.66 -24.42
N LEU B 60 27.36 -7.65 -24.83
CA LEU B 60 27.53 -7.06 -26.17
C LEU B 60 28.86 -6.36 -26.32
N ARG B 61 29.45 -5.97 -25.19
CA ARG B 61 30.76 -5.33 -25.17
C ARG B 61 31.90 -6.37 -25.21
N GLN B 62 31.59 -7.67 -25.08
CA GLN B 62 32.63 -8.72 -25.00
C GLN B 62 32.68 -9.55 -26.28
#